data_5MFN
#
_entry.id   5MFN
#
_cell.length_a   142.550
_cell.length_b   142.550
_cell.length_c   142.120
_cell.angle_alpha   90.00
_cell.angle_beta   90.00
_cell.angle_gamma   120.00
#
_symmetry.space_group_name_H-M   'P 63 2 2'
#
loop_
_entity.id
_entity.type
_entity.pdbx_description
1 polymer YIIIM5AII
2 non-polymer 'CALCIUM ION'
3 non-polymer D-MALATE
4 water water
#
_entity_poly.entity_id   1
_entity_poly.type   'polypeptide(L)'
_entity_poly.pdbx_seq_one_letter_code
;GPGSELPQMVQQLNSPDQQELQSALRKLSQIASGGNEQIQAVIDAGALPALVQLLSSPNEQILQEALWALSNIASGGNEQ
IQAVIDAGALPALVQLLSSPNEQILQEALWALSNIASGGNEQIQAVIDAGALPALVQLLSSPNEQILQEALWALSNIASG
GNEQIQAVIDAGALPALVQLLSSPNEQILQEALWALSNIASGGNEQIQAVIDAGALPALVQLLSSPNEQILQEALWALSN
IASGGNEQKQAVKEAGALEKLEQLQSHENEKIQKEAQEALEKLQSH
;
_entity_poly.pdbx_strand_id   A,B
#
loop_
_chem_comp.id
_chem_comp.type
_chem_comp.name
_chem_comp.formula
CA non-polymer 'CALCIUM ION' 'Ca 2'
MLT non-polymer D-MALATE 'C4 H6 O5'
#
# COMPACT_ATOMS: atom_id res chain seq x y z
N GLU A 5 25.82 12.23 4.44
CA GLU A 5 24.86 11.27 3.92
C GLU A 5 23.47 11.88 3.83
N LEU A 6 22.85 12.15 5.00
CA LEU A 6 21.51 12.75 5.11
C LEU A 6 21.43 14.20 4.59
N PRO A 7 22.37 15.14 4.89
CA PRO A 7 22.23 16.52 4.37
C PRO A 7 22.18 16.56 2.83
N GLN A 8 22.92 15.61 2.22
CA GLN A 8 23.07 15.37 0.79
C GLN A 8 21.79 14.84 0.16
N MET A 9 20.94 14.14 0.95
CA MET A 9 19.65 13.60 0.50
C MET A 9 18.59 14.68 0.60
N VAL A 10 18.50 15.34 1.78
CA VAL A 10 17.57 16.44 2.11
C VAL A 10 17.67 17.55 1.03
N GLN A 11 18.91 17.82 0.58
CA GLN A 11 19.25 18.79 -0.47
C GLN A 11 18.68 18.31 -1.81
N GLN A 12 18.92 17.02 -2.15
CA GLN A 12 18.43 16.37 -3.37
C GLN A 12 16.91 16.38 -3.52
N LEU A 13 16.16 16.62 -2.43
CA LEU A 13 14.70 16.69 -2.43
C LEU A 13 14.20 17.97 -3.13
N ASN A 14 15.11 18.91 -3.41
CA ASN A 14 14.87 20.19 -4.10
C ASN A 14 15.28 20.09 -5.58
N SER A 15 16.00 19.01 -5.94
CA SER A 15 16.55 18.76 -7.28
C SER A 15 15.52 18.74 -8.40
N PRO A 16 15.83 19.43 -9.54
CA PRO A 16 14.92 19.41 -10.69
C PRO A 16 14.91 18.05 -11.40
N ASP A 17 15.92 17.21 -11.07
CA ASP A 17 16.10 15.86 -11.56
C ASP A 17 15.18 14.97 -10.75
N GLN A 18 14.19 14.39 -11.43
CA GLN A 18 13.18 13.51 -10.81
C GLN A 18 13.78 12.19 -10.34
N GLN A 19 14.87 11.74 -10.98
CA GLN A 19 15.54 10.50 -10.63
C GLN A 19 16.33 10.73 -9.34
N GLU A 20 17.00 11.90 -9.24
CA GLU A 20 17.75 12.30 -8.06
C GLU A 20 16.81 12.45 -6.86
N LEU A 21 15.67 13.14 -7.07
CA LEU A 21 14.63 13.36 -6.06
C LEU A 21 14.12 12.02 -5.50
N GLN A 22 13.60 11.13 -6.42
CA GLN A 22 13.05 9.81 -6.13
C GLN A 22 14.01 8.90 -5.40
N SER A 23 15.30 8.85 -5.81
CA SER A 23 16.37 8.06 -5.19
C SER A 23 16.62 8.49 -3.74
N ALA A 24 16.70 9.82 -3.47
CA ALA A 24 16.90 10.35 -2.13
C ALA A 24 15.66 10.14 -1.26
N LEU A 25 14.46 10.32 -1.85
CA LEU A 25 13.15 10.11 -1.22
C LEU A 25 13.02 8.63 -0.76
N ARG A 26 13.32 7.68 -1.69
CA ARG A 26 13.34 6.24 -1.48
C ARG A 26 14.38 5.87 -0.40
N LYS A 27 15.50 6.63 -0.32
CA LYS A 27 16.54 6.43 0.70
C LYS A 27 16.05 6.93 2.08
N LEU A 28 15.51 8.17 2.15
CA LEU A 28 15.01 8.80 3.37
C LEU A 28 13.85 8.06 3.99
N SER A 29 13.01 7.45 3.14
CA SER A 29 11.86 6.67 3.64
C SER A 29 12.33 5.38 4.30
N GLN A 30 13.31 4.68 3.68
CA GLN A 30 13.85 3.44 4.22
C GLN A 30 14.70 3.66 5.47
N ILE A 31 15.31 4.83 5.55
CA ILE A 31 16.16 5.19 6.68
C ILE A 31 15.25 5.60 7.87
N ALA A 32 14.08 6.23 7.59
CA ALA A 32 13.10 6.66 8.59
C ALA A 32 12.19 5.51 9.05
N SER A 33 12.08 4.45 8.23
CA SER A 33 11.28 3.25 8.53
C SER A 33 11.88 2.50 9.72
N GLY A 34 13.19 2.64 9.88
CA GLY A 34 13.98 2.01 10.94
C GLY A 34 13.68 2.52 12.34
N GLY A 35 14.72 2.55 13.14
CA GLY A 35 14.67 2.95 14.55
C GLY A 35 14.12 4.32 14.84
N ASN A 36 13.82 4.57 16.14
CA ASN A 36 13.30 5.85 16.61
C ASN A 36 14.41 6.90 16.61
N GLU A 37 15.66 6.44 16.81
CA GLU A 37 16.84 7.28 16.79
C GLU A 37 17.10 7.71 15.34
N GLN A 38 16.79 6.82 14.38
CA GLN A 38 16.94 7.04 12.94
C GLN A 38 15.95 8.10 12.47
N ILE A 39 14.69 8.07 12.99
CA ILE A 39 13.61 9.03 12.72
C ILE A 39 14.10 10.42 13.13
N GLN A 40 14.77 10.54 14.30
CA GLN A 40 15.31 11.80 14.80
C GLN A 40 16.40 12.37 13.91
N ALA A 41 17.31 11.51 13.40
CA ALA A 41 18.42 11.91 12.51
C ALA A 41 17.90 12.54 11.22
N VAL A 42 16.80 11.97 10.67
CA VAL A 42 16.10 12.42 9.48
C VAL A 42 15.46 13.77 9.79
N ILE A 43 14.80 13.90 10.97
CA ILE A 43 14.18 15.14 11.44
C ILE A 43 15.25 16.25 11.51
N ASP A 44 16.33 16.03 12.29
CA ASP A 44 17.47 16.92 12.54
C ASP A 44 18.18 17.38 11.26
N ALA A 45 18.20 16.53 10.21
CA ALA A 45 18.79 16.87 8.91
C ALA A 45 17.90 17.81 8.08
N GLY A 46 16.69 18.10 8.59
CA GLY A 46 15.70 19.01 8.00
C GLY A 46 14.90 18.44 6.85
N ALA A 47 14.62 17.14 6.89
CA ALA A 47 13.89 16.48 5.82
C ALA A 47 12.42 16.86 5.80
N LEU A 48 11.86 17.18 6.98
CA LEU A 48 10.44 17.50 7.18
C LEU A 48 9.89 18.69 6.35
N PRO A 49 10.48 19.92 6.34
CA PRO A 49 9.88 21.00 5.51
C PRO A 49 9.86 20.65 4.02
N ALA A 50 10.88 19.90 3.59
CA ALA A 50 11.08 19.42 2.22
C ALA A 50 10.02 18.38 1.83
N LEU A 51 9.71 17.44 2.75
CA LEU A 51 8.73 16.38 2.56
C LEU A 51 7.31 16.94 2.44
N VAL A 52 6.95 17.93 3.31
CA VAL A 52 5.64 18.58 3.32
C VAL A 52 5.34 19.28 1.97
N GLN A 53 6.37 19.90 1.34
CA GLN A 53 6.25 20.57 0.02
C GLN A 53 5.78 19.56 -1.02
N LEU A 54 6.37 18.35 -1.00
CA LEU A 54 6.11 17.23 -1.91
C LEU A 54 4.68 16.66 -1.83
N LEU A 55 3.94 16.96 -0.75
CA LEU A 55 2.57 16.47 -0.59
C LEU A 55 1.61 17.15 -1.57
N SER A 56 2.07 18.27 -2.12
CA SER A 56 1.34 19.06 -3.09
C SER A 56 1.71 18.67 -4.54
N SER A 57 2.60 17.67 -4.72
CA SER A 57 3.02 17.25 -6.04
C SER A 57 1.94 16.53 -6.82
N PRO A 58 1.78 16.87 -8.12
CA PRO A 58 0.83 16.17 -8.97
C PRO A 58 1.37 14.79 -9.39
N ASN A 59 2.68 14.54 -9.14
CA ASN A 59 3.38 13.29 -9.44
C ASN A 59 3.01 12.25 -8.34
N GLU A 60 2.27 11.21 -8.73
CA GLU A 60 1.82 10.13 -7.82
C GLU A 60 2.96 9.34 -7.23
N GLN A 61 4.05 9.15 -7.99
CA GLN A 61 5.26 8.41 -7.60
C GLN A 61 5.99 9.14 -6.48
N ILE A 62 6.24 10.45 -6.69
CA ILE A 62 6.93 11.24 -5.68
C ILE A 62 5.96 11.51 -4.47
N LEU A 63 4.63 11.61 -4.70
CA LEU A 63 3.70 11.81 -3.59
C LEU A 63 3.61 10.52 -2.74
N GLN A 64 3.49 9.34 -3.39
CA GLN A 64 3.42 8.05 -2.69
C GLN A 64 4.61 7.79 -1.77
N GLU A 65 5.83 8.15 -2.24
CA GLU A 65 7.06 7.97 -1.47
C GLU A 65 7.12 8.96 -0.32
N ALA A 66 6.75 10.23 -0.58
CA ALA A 66 6.72 11.31 0.42
C ALA A 66 5.79 10.96 1.56
N LEU A 67 4.58 10.42 1.24
CA LEU A 67 3.58 10.00 2.22
C LEU A 67 4.14 8.87 3.09
N TRP A 68 4.72 7.83 2.46
CA TRP A 68 5.33 6.68 3.13
C TRP A 68 6.35 7.17 4.14
N ALA A 69 7.22 8.09 3.69
CA ALA A 69 8.27 8.70 4.51
C ALA A 69 7.72 9.44 5.72
N LEU A 70 6.59 10.18 5.56
CA LEU A 70 5.99 10.95 6.67
C LEU A 70 5.27 10.07 7.67
N SER A 71 4.58 9.02 7.18
CA SER A 71 3.88 8.09 8.07
C SER A 71 4.88 7.27 8.85
N ASN A 72 6.04 7.00 8.23
CA ASN A 72 7.15 6.31 8.88
C ASN A 72 7.82 7.26 9.87
N ILE A 73 7.82 8.58 9.61
CA ILE A 73 8.38 9.53 10.58
C ILE A 73 7.42 9.59 11.76
N ALA A 74 6.12 9.83 11.50
CA ALA A 74 5.06 9.84 12.51
C ALA A 74 4.85 8.46 13.20
N SER A 75 5.71 7.48 12.88
CA SER A 75 5.74 6.16 13.49
C SER A 75 6.50 6.22 14.84
N GLY A 76 7.24 7.32 15.02
CA GLY A 76 8.04 7.60 16.21
C GLY A 76 7.31 8.09 17.43
N GLY A 77 8.07 8.64 18.37
CA GLY A 77 7.55 9.16 19.63
C GLY A 77 6.69 10.40 19.53
N ASN A 78 5.98 10.71 20.64
CA ASN A 78 5.04 11.83 20.84
C ASN A 78 5.60 13.21 20.44
N GLU A 79 6.86 13.52 20.81
CA GLU A 79 7.43 14.84 20.45
C GLU A 79 8.07 14.83 19.04
N GLN A 80 8.07 13.69 18.34
CA GLN A 80 8.52 13.55 16.94
C GLN A 80 7.29 13.69 16.04
N ILE A 81 6.10 13.36 16.60
CA ILE A 81 4.79 13.53 15.96
C ILE A 81 4.59 15.06 15.86
N GLN A 82 4.97 15.76 16.96
CA GLN A 82 4.89 17.22 17.09
C GLN A 82 5.75 17.95 16.05
N ALA A 83 6.89 17.35 15.65
CA ALA A 83 7.77 17.92 14.63
C ALA A 83 7.05 17.91 13.28
N VAL A 84 6.35 16.79 12.98
CA VAL A 84 5.55 16.58 11.76
C VAL A 84 4.42 17.61 11.73
N ILE A 85 3.77 17.83 12.89
CA ILE A 85 2.71 18.81 13.06
C ILE A 85 3.26 20.23 12.82
N ASP A 86 4.37 20.62 13.51
CA ASP A 86 5.06 21.92 13.41
C ASP A 86 5.57 22.24 11.99
N ALA A 87 5.95 21.19 11.23
CA ALA A 87 6.41 21.31 9.83
C ALA A 87 5.25 21.75 8.93
N GLY A 88 4.01 21.43 9.35
CA GLY A 88 2.76 21.80 8.67
C GLY A 88 2.21 20.70 7.77
N ALA A 89 2.36 19.45 8.19
CA ALA A 89 1.93 18.30 7.40
C ALA A 89 0.43 18.23 7.29
N LEU A 90 -0.28 18.24 8.44
CA LEU A 90 -1.75 18.10 8.58
C LEU A 90 -2.63 18.72 7.45
N PRO A 91 -2.56 20.03 7.10
CA PRO A 91 -3.44 20.55 6.04
C PRO A 91 -3.32 19.86 4.68
N ALA A 92 -2.10 19.45 4.32
CA ALA A 92 -1.80 18.72 3.10
C ALA A 92 -2.43 17.35 3.19
N LEU A 93 -2.33 16.70 4.38
CA LEU A 93 -2.87 15.35 4.66
C LEU A 93 -4.41 15.31 4.70
N VAL A 94 -5.01 16.40 5.22
CA VAL A 94 -6.46 16.56 5.32
C VAL A 94 -7.01 16.83 3.90
N GLN A 95 -6.26 17.59 3.08
CA GLN A 95 -6.59 17.90 1.68
C GLN A 95 -6.75 16.59 0.89
N LEU A 96 -5.86 15.64 1.15
CA LEU A 96 -5.80 14.34 0.51
C LEU A 96 -6.96 13.35 0.86
N LEU A 97 -7.82 13.72 1.82
CA LEU A 97 -8.92 12.84 2.21
C LEU A 97 -10.10 12.93 1.22
N SER A 98 -10.01 13.90 0.30
CA SER A 98 -10.95 14.15 -0.78
C SER A 98 -10.45 13.49 -2.07
N SER A 99 -9.39 12.69 -1.96
CA SER A 99 -8.79 12.03 -3.11
C SER A 99 -9.59 10.84 -3.65
N PRO A 100 -9.76 10.79 -5.01
CA PRO A 100 -10.35 9.58 -5.63
C PRO A 100 -9.29 8.47 -5.81
N ASN A 101 -7.97 8.79 -5.55
CA ASN A 101 -6.88 7.83 -5.63
C ASN A 101 -6.88 7.05 -4.34
N GLU A 102 -7.37 5.79 -4.42
CA GLU A 102 -7.48 4.84 -3.32
C GLU A 102 -6.11 4.57 -2.67
N GLN A 103 -5.02 4.60 -3.46
CA GLN A 103 -3.76 4.37 -2.83
C GLN A 103 -3.27 5.60 -2.07
N ILE A 104 -3.39 6.79 -2.69
CA ILE A 104 -3.02 8.06 -2.06
C ILE A 104 -3.82 8.25 -0.76
N LEU A 105 -5.16 7.96 -0.79
CA LEU A 105 -6.06 8.08 0.36
C LEU A 105 -5.70 7.12 1.49
N GLN A 106 -5.34 5.89 1.12
CA GLN A 106 -4.88 4.89 2.07
C GLN A 106 -3.61 5.41 2.81
N GLU A 107 -2.60 5.90 2.06
CA GLU A 107 -1.37 6.42 2.65
C GLU A 107 -1.63 7.63 3.56
N ALA A 108 -2.44 8.61 3.07
CA ALA A 108 -2.79 9.84 3.82
C ALA A 108 -3.55 9.52 5.10
N LEU A 109 -4.46 8.52 5.04
CA LEU A 109 -5.23 8.06 6.20
C LEU A 109 -4.31 7.42 7.22
N TRP A 110 -3.33 6.60 6.74
CA TRP A 110 -2.33 5.93 7.57
C TRP A 110 -1.48 6.95 8.35
N ALA A 111 -0.92 7.95 7.66
CA ALA A 111 -0.12 9.02 8.25
C ALA A 111 -0.86 9.81 9.33
N LEU A 112 -2.15 10.15 9.09
CA LEU A 112 -3.00 10.89 10.03
C LEU A 112 -3.29 10.07 11.25
N SER A 113 -3.52 8.77 11.07
CA SER A 113 -3.79 7.82 12.16
C SER A 113 -2.54 7.69 13.02
N ASN A 114 -1.36 7.69 12.38
CA ASN A 114 -0.09 7.62 13.08
C ASN A 114 0.17 8.91 13.87
N ILE A 115 -0.28 10.08 13.34
CA ILE A 115 -0.15 11.38 14.03
C ILE A 115 -1.10 11.39 15.22
N ALA A 116 -2.29 10.80 15.04
CA ALA A 116 -3.29 10.67 16.09
C ALA A 116 -2.92 9.56 17.09
N SER A 117 -1.84 8.78 16.81
CA SER A 117 -1.33 7.71 17.69
C SER A 117 -0.46 8.25 18.86
N GLY A 118 -0.57 9.54 19.14
CA GLY A 118 0.19 10.20 20.18
C GLY A 118 -0.65 10.78 21.28
N GLY A 119 -0.10 11.78 21.95
CA GLY A 119 -0.76 12.49 23.05
C GLY A 119 -1.88 13.38 22.58
N ASN A 120 -2.76 13.76 23.53
CA ASN A 120 -3.94 14.61 23.36
C ASN A 120 -3.65 15.92 22.60
N GLU A 121 -2.46 16.52 22.84
CA GLU A 121 -1.98 17.76 22.20
C GLU A 121 -1.83 17.53 20.69
N GLN A 122 -1.31 16.34 20.31
CA GLN A 122 -1.10 15.93 18.92
C GLN A 122 -2.46 15.58 18.32
N ILE A 123 -3.31 14.83 19.06
CA ILE A 123 -4.66 14.43 18.65
C ILE A 123 -5.50 15.68 18.34
N GLN A 124 -5.40 16.73 19.19
CA GLN A 124 -6.10 18.01 19.02
C GLN A 124 -5.67 18.71 17.76
N ALA A 125 -4.35 18.68 17.45
CA ALA A 125 -3.77 19.30 16.24
C ALA A 125 -4.47 18.78 14.97
N VAL A 126 -4.71 17.44 14.92
CA VAL A 126 -5.40 16.75 13.83
C VAL A 126 -6.84 17.30 13.75
N ILE A 127 -7.57 17.33 14.90
CA ILE A 127 -8.93 17.86 14.99
C ILE A 127 -8.95 19.30 14.45
N ASP A 128 -8.04 20.17 14.96
CA ASP A 128 -7.84 21.59 14.62
C ASP A 128 -7.65 21.80 13.13
N ALA A 129 -6.93 20.87 12.46
CA ALA A 129 -6.66 20.90 11.02
C ALA A 129 -7.92 20.59 10.19
N GLY A 130 -8.93 19.96 10.83
CA GLY A 130 -10.23 19.65 10.23
C GLY A 130 -10.35 18.27 9.62
N ALA A 131 -9.69 17.28 10.22
CA ALA A 131 -9.72 15.92 9.72
C ALA A 131 -11.07 15.23 9.94
N LEU A 132 -11.72 15.50 11.09
CA LEU A 132 -12.98 14.84 11.46
C LEU A 132 -14.09 14.91 10.39
N PRO A 133 -14.51 16.09 9.83
CA PRO A 133 -15.58 16.07 8.81
C PRO A 133 -15.34 15.09 7.65
N ALA A 134 -14.09 15.05 7.14
CA ALA A 134 -13.63 14.15 6.08
C ALA A 134 -13.73 12.71 6.56
N LEU A 135 -13.23 12.43 7.78
CA LEU A 135 -13.27 11.10 8.38
C LEU A 135 -14.69 10.54 8.50
N VAL A 136 -15.64 11.34 9.04
CA VAL A 136 -17.07 10.99 9.21
C VAL A 136 -17.73 10.66 7.84
N GLN A 137 -17.41 11.47 6.78
CA GLN A 137 -17.91 11.26 5.41
C GLN A 137 -17.48 9.89 4.94
N LEU A 138 -16.22 9.50 5.25
CA LEU A 138 -15.67 8.22 4.86
C LEU A 138 -16.37 7.00 5.53
N LEU A 139 -17.17 7.20 6.61
CA LEU A 139 -17.87 6.07 7.25
C LEU A 139 -19.11 5.65 6.38
N SER A 140 -19.49 6.52 5.43
CA SER A 140 -20.58 6.31 4.49
C SER A 140 -20.03 5.70 3.17
N SER A 141 -18.76 5.26 3.18
CA SER A 141 -18.07 4.67 2.04
C SER A 141 -18.50 3.22 1.80
N PRO A 142 -18.67 2.80 0.51
CA PRO A 142 -18.99 1.39 0.22
C PRO A 142 -17.72 0.50 0.18
N ASN A 143 -16.54 1.10 0.36
CA ASN A 143 -15.25 0.44 0.31
C ASN A 143 -14.93 0.01 1.71
N GLU A 144 -14.82 -1.31 1.91
CA GLU A 144 -14.53 -1.88 3.23
C GLU A 144 -13.13 -1.54 3.70
N GLN A 145 -12.20 -1.35 2.75
CA GLN A 145 -10.82 -0.98 3.06
C GLN A 145 -10.73 0.49 3.50
N ILE A 146 -11.42 1.43 2.80
CA ILE A 146 -11.46 2.85 3.18
C ILE A 146 -12.12 2.99 4.55
N LEU A 147 -13.24 2.26 4.75
CA LEU A 147 -13.98 2.24 6.04
C LEU A 147 -13.07 1.86 7.19
N GLN A 148 -12.22 0.83 7.01
CA GLN A 148 -11.29 0.38 8.03
C GLN A 148 -10.32 1.46 8.44
N GLU A 149 -9.64 2.06 7.46
CA GLU A 149 -8.65 3.13 7.70
C GLU A 149 -9.26 4.33 8.42
N ALA A 150 -10.45 4.76 7.97
CA ALA A 150 -11.19 5.88 8.57
C ALA A 150 -11.58 5.53 10.02
N LEU A 151 -12.04 4.27 10.25
CA LEU A 151 -12.43 3.82 11.59
C LEU A 151 -11.21 3.69 12.49
N TRP A 152 -10.03 3.32 11.92
CA TRP A 152 -8.78 3.19 12.64
C TRP A 152 -8.39 4.58 13.13
N ALA A 153 -8.32 5.57 12.20
CA ALA A 153 -7.99 6.96 12.46
C ALA A 153 -8.90 7.59 13.52
N LEU A 154 -10.23 7.40 13.40
CA LEU A 154 -11.22 7.91 14.34
C LEU A 154 -11.05 7.33 15.72
N SER A 155 -10.82 6.00 15.82
CA SER A 155 -10.60 5.31 17.10
C SER A 155 -9.43 5.95 17.82
N ASN A 156 -8.34 6.28 17.08
CA ASN A 156 -7.15 6.95 17.58
C ASN A 156 -7.45 8.36 18.04
N ILE A 157 -8.40 9.06 17.38
CA ILE A 157 -8.80 10.41 17.78
C ILE A 157 -9.56 10.27 19.10
N ALA A 158 -10.54 9.35 19.14
CA ALA A 158 -11.39 9.11 20.29
C ALA A 158 -10.67 8.45 21.48
N SER A 159 -9.36 8.19 21.36
CA SER A 159 -8.56 7.60 22.45
C SER A 159 -8.16 8.67 23.47
N GLY A 160 -8.05 9.92 22.99
CA GLY A 160 -7.64 11.10 23.74
C GLY A 160 -8.59 11.55 24.83
N GLY A 161 -8.34 12.75 25.37
CA GLY A 161 -9.13 13.36 26.43
C GLY A 161 -10.56 13.72 26.05
N ASN A 162 -11.36 14.17 27.04
CA ASN A 162 -12.77 14.53 26.85
C ASN A 162 -13.01 15.58 25.76
N GLU A 163 -12.10 16.57 25.63
CA GLU A 163 -12.18 17.61 24.60
C GLU A 163 -12.10 16.98 23.18
N GLN A 164 -11.26 15.94 23.03
CA GLN A 164 -11.07 15.20 21.78
C GLN A 164 -12.21 14.23 21.52
N ILE A 165 -12.75 13.59 22.58
CA ILE A 165 -13.89 12.68 22.45
C ILE A 165 -15.13 13.48 22.02
N GLN A 166 -15.39 14.64 22.70
CA GLN A 166 -16.52 15.51 22.37
C GLN A 166 -16.37 16.09 20.98
N ALA A 167 -15.13 16.27 20.50
CA ALA A 167 -14.88 16.75 19.15
C ALA A 167 -15.48 15.80 18.12
N VAL A 168 -15.24 14.48 18.31
CA VAL A 168 -15.72 13.40 17.44
C VAL A 168 -17.26 13.36 17.46
N ILE A 169 -17.87 13.55 18.68
CA ILE A 169 -19.32 13.61 18.91
C ILE A 169 -19.88 14.78 18.11
N ASP A 170 -19.32 15.99 18.31
CA ASP A 170 -19.71 17.24 17.63
C ASP A 170 -19.51 17.16 16.12
N ALA A 171 -18.67 16.21 15.66
CA ALA A 171 -18.39 15.99 14.23
C ALA A 171 -19.46 15.09 13.61
N GLY A 172 -20.44 14.68 14.44
CA GLY A 172 -21.56 13.83 14.06
C GLY A 172 -21.19 12.41 13.70
N ALA A 173 -20.17 11.86 14.37
CA ALA A 173 -19.70 10.52 14.08
C ALA A 173 -20.58 9.43 14.67
N LEU A 174 -21.26 9.70 15.80
CA LEU A 174 -22.10 8.72 16.49
C LEU A 174 -23.26 8.15 15.65
N PRO A 175 -24.08 8.96 14.91
CA PRO A 175 -25.17 8.36 14.12
C PRO A 175 -24.66 7.36 13.10
N ALA A 176 -23.50 7.66 12.50
CA ALA A 176 -22.78 6.83 11.54
C ALA A 176 -22.35 5.53 12.21
N LEU A 177 -21.73 5.62 13.42
CA LEU A 177 -21.26 4.45 14.19
C LEU A 177 -22.41 3.54 14.63
N VAL A 178 -23.51 4.14 15.09
CA VAL A 178 -24.75 3.46 15.46
C VAL A 178 -25.33 2.73 14.21
N GLN A 179 -25.41 3.43 13.07
CA GLN A 179 -25.90 2.87 11.80
C GLN A 179 -25.04 1.73 11.30
N LEU A 180 -23.79 1.66 11.76
CA LEU A 180 -22.84 0.65 11.38
C LEU A 180 -22.97 -0.59 12.22
N LEU A 181 -23.60 -0.51 13.42
CA LEU A 181 -23.81 -1.69 14.30
C LEU A 181 -24.89 -2.65 13.72
N SER A 182 -25.63 -2.15 12.70
CA SER A 182 -26.67 -2.88 11.98
C SER A 182 -26.07 -3.56 10.73
N SER A 183 -24.72 -3.63 10.67
CA SER A 183 -23.99 -4.24 9.56
C SER A 183 -24.04 -5.76 9.65
N PRO A 184 -24.21 -6.46 8.51
CA PRO A 184 -24.17 -7.94 8.55
C PRO A 184 -22.73 -8.47 8.61
N ASN A 185 -21.77 -7.59 8.24
CA ASN A 185 -20.33 -7.79 8.15
C ASN A 185 -19.75 -7.64 9.54
N GLU A 186 -19.30 -8.77 10.09
CA GLU A 186 -18.74 -8.87 11.42
C GLU A 186 -17.40 -8.12 11.57
N GLN A 187 -16.70 -7.85 10.46
CA GLN A 187 -15.41 -7.13 10.51
C GLN A 187 -15.64 -5.63 10.65
N ILE A 188 -16.78 -5.11 10.10
CA ILE A 188 -17.18 -3.69 10.21
C ILE A 188 -17.57 -3.44 11.68
N LEU A 189 -18.35 -4.41 12.27
CA LEU A 189 -18.81 -4.41 13.66
C LEU A 189 -17.63 -4.30 14.60
N GLN A 190 -16.57 -5.08 14.36
CA GLN A 190 -15.36 -5.02 15.16
C GLN A 190 -14.77 -3.58 15.18
N GLU A 191 -14.66 -2.92 14.03
CA GLU A 191 -14.11 -1.57 13.91
C GLU A 191 -15.05 -0.44 14.40
N ALA A 192 -16.38 -0.56 14.15
CA ALA A 192 -17.35 0.45 14.58
C ALA A 192 -17.45 0.42 16.10
N LEU A 193 -17.59 -0.81 16.70
CA LEU A 193 -17.67 -0.99 18.15
C LEU A 193 -16.40 -0.51 18.84
N TRP A 194 -15.22 -0.75 18.20
CA TRP A 194 -13.94 -0.30 18.76
C TRP A 194 -13.91 1.22 18.91
N ALA A 195 -14.31 1.95 17.84
CA ALA A 195 -14.38 3.41 17.85
C ALA A 195 -15.41 3.88 18.87
N LEU A 196 -16.60 3.26 18.89
CA LEU A 196 -17.69 3.59 19.81
C LEU A 196 -17.33 3.44 21.28
N SER A 197 -16.53 2.40 21.62
CA SER A 197 -16.11 2.16 23.01
C SER A 197 -15.13 3.24 23.47
N ASN A 198 -14.33 3.80 22.52
CA ASN A 198 -13.38 4.88 22.82
C ASN A 198 -14.16 6.17 23.10
N ILE A 199 -15.29 6.39 22.39
CA ILE A 199 -16.20 7.54 22.61
C ILE A 199 -16.79 7.35 24.03
N ALA A 200 -17.08 6.09 24.38
CA ALA A 200 -17.64 5.67 25.66
C ALA A 200 -16.64 5.70 26.84
N SER A 201 -15.35 5.99 26.58
CA SER A 201 -14.34 6.08 27.65
C SER A 201 -14.40 7.45 28.38
N GLY A 202 -15.10 8.41 27.77
CA GLY A 202 -15.23 9.77 28.26
C GLY A 202 -16.05 10.00 29.51
N GLY A 203 -16.32 11.28 29.77
CA GLY A 203 -17.10 11.75 30.90
C GLY A 203 -18.59 11.67 30.67
N ASN A 204 -19.38 12.06 31.67
CA ASN A 204 -20.85 12.03 31.67
C ASN A 204 -21.50 12.67 30.45
N GLU A 205 -21.00 13.84 29.98
CA GLU A 205 -21.50 14.54 28.80
C GLU A 205 -21.35 13.65 27.54
N GLN A 206 -20.20 12.98 27.43
CA GLN A 206 -19.83 12.07 26.33
C GLN A 206 -20.60 10.74 26.38
N ILE A 207 -20.75 10.15 27.60
CA ILE A 207 -21.50 8.91 27.85
C ILE A 207 -22.93 9.09 27.36
N GLN A 208 -23.55 10.25 27.71
CA GLN A 208 -24.91 10.60 27.35
C GLN A 208 -25.13 10.82 25.87
N ALA A 209 -24.13 11.40 25.19
CA ALA A 209 -24.19 11.64 23.74
C ALA A 209 -24.30 10.31 22.99
N VAL A 210 -23.62 9.26 23.52
CA VAL A 210 -23.63 7.90 23.00
C VAL A 210 -25.03 7.31 23.22
N ILE A 211 -25.58 7.45 24.46
CA ILE A 211 -26.90 6.96 24.86
C ILE A 211 -28.00 7.54 23.98
N ASP A 212 -27.99 8.89 23.82
CA ASP A 212 -28.97 9.63 23.02
C ASP A 212 -28.97 9.22 21.54
N ALA A 213 -27.82 8.74 21.03
CA ALA A 213 -27.63 8.32 19.63
C ALA A 213 -28.34 6.99 19.26
N GLY A 214 -28.87 6.27 20.26
CA GLY A 214 -29.57 4.99 20.10
C GLY A 214 -28.62 3.80 20.08
N ALA A 215 -27.48 3.94 20.77
CA ALA A 215 -26.43 2.95 20.83
C ALA A 215 -26.78 1.73 21.64
N LEU A 216 -27.38 1.93 22.85
CA LEU A 216 -27.73 0.84 23.80
C LEU A 216 -28.58 -0.29 23.18
N PRO A 217 -29.71 -0.02 22.47
CA PRO A 217 -30.49 -1.14 21.91
C PRO A 217 -29.68 -2.06 20.98
N ALA A 218 -28.77 -1.47 20.18
CA ALA A 218 -27.89 -2.20 19.28
C ALA A 218 -26.85 -3.02 20.07
N LEU A 219 -26.29 -2.44 21.18
CA LEU A 219 -25.30 -3.09 22.04
C LEU A 219 -25.87 -4.26 22.83
N VAL A 220 -27.08 -4.08 23.39
CA VAL A 220 -27.78 -5.12 24.14
C VAL A 220 -28.11 -6.31 23.16
N GLN A 221 -28.45 -6.01 21.87
CA GLN A 221 -28.70 -7.00 20.83
C GLN A 221 -27.40 -7.81 20.53
N LEU A 222 -26.28 -7.10 20.40
CA LEU A 222 -24.95 -7.63 20.16
C LEU A 222 -24.35 -8.41 21.34
N LEU A 223 -25.01 -8.43 22.51
CA LEU A 223 -24.52 -9.21 23.66
C LEU A 223 -24.84 -10.69 23.47
N SER A 224 -25.69 -11.01 22.48
CA SER A 224 -26.08 -12.38 22.12
C SER A 224 -25.46 -12.75 20.75
N SER A 225 -24.31 -12.10 20.41
CA SER A 225 -23.56 -12.31 19.16
C SER A 225 -22.75 -13.61 19.23
N PRO A 226 -22.70 -14.42 18.16
CA PRO A 226 -21.88 -15.65 18.19
C PRO A 226 -20.35 -15.40 18.08
N ASN A 227 -19.93 -14.17 17.67
CA ASN A 227 -18.53 -13.76 17.56
C ASN A 227 -18.06 -13.26 18.90
N GLU A 228 -17.14 -14.02 19.50
CA GLU A 228 -16.51 -13.74 20.79
C GLU A 228 -15.92 -12.33 20.88
N GLN A 229 -15.32 -11.80 19.78
CA GLN A 229 -14.71 -10.47 19.73
C GLN A 229 -15.77 -9.34 19.68
N ILE A 230 -16.89 -9.56 18.99
CA ILE A 230 -17.94 -8.55 18.86
C ILE A 230 -18.72 -8.45 20.19
N LEU A 231 -18.99 -9.61 20.81
CA LEU A 231 -19.64 -9.72 22.12
C LEU A 231 -18.77 -9.01 23.21
N GLN A 232 -17.44 -9.22 23.13
CA GLN A 232 -16.43 -8.65 24.03
C GLN A 232 -16.43 -7.11 23.87
N GLU A 233 -16.55 -6.63 22.62
CA GLU A 233 -16.57 -5.21 22.30
C GLU A 233 -17.88 -4.53 22.68
N ALA A 234 -18.99 -5.28 22.73
CA ALA A 234 -20.29 -4.74 23.15
C ALA A 234 -20.20 -4.46 24.65
N LEU A 235 -19.59 -5.41 25.40
CA LEU A 235 -19.33 -5.34 26.84
C LEU A 235 -18.48 -4.13 27.10
N TRP A 236 -17.42 -3.96 26.28
CA TRP A 236 -16.47 -2.84 26.31
C TRP A 236 -17.24 -1.53 26.44
N ALA A 237 -18.12 -1.22 25.46
CA ALA A 237 -18.94 0.00 25.38
C ALA A 237 -19.88 0.15 26.56
N LEU A 238 -20.49 -0.96 26.99
CA LEU A 238 -21.42 -0.97 28.11
C LEU A 238 -20.73 -0.69 29.44
N SER A 239 -19.67 -1.45 29.77
CA SER A 239 -18.86 -1.30 30.99
C SER A 239 -18.20 0.09 31.05
N ASN A 240 -18.11 0.75 29.88
CA ASN A 240 -17.57 2.09 29.71
C ASN A 240 -18.66 3.12 29.96
N ILE A 241 -19.92 2.84 29.52
CA ILE A 241 -21.05 3.75 29.75
C ILE A 241 -21.61 3.54 31.16
N ALA A 242 -21.19 2.44 31.82
CA ALA A 242 -21.53 2.10 33.20
C ALA A 242 -20.73 2.99 34.14
N SER A 243 -19.55 3.48 33.68
CA SER A 243 -18.65 4.36 34.43
C SER A 243 -19.31 5.71 34.77
N GLY A 244 -20.24 6.15 33.91
CA GLY A 244 -21.02 7.39 34.04
C GLY A 244 -22.00 7.37 35.20
N GLY A 245 -22.68 8.50 35.41
CA GLY A 245 -23.62 8.72 36.50
C GLY A 245 -24.81 7.78 36.56
N ASN A 246 -25.54 7.79 37.70
CA ASN A 246 -26.74 6.98 37.98
C ASN A 246 -27.85 7.20 36.96
N GLU A 247 -27.93 8.44 36.40
CA GLU A 247 -28.86 8.87 35.36
C GLU A 247 -28.59 8.07 34.08
N GLN A 248 -27.30 7.86 33.76
CA GLN A 248 -26.82 7.07 32.61
C GLN A 248 -27.00 5.57 32.94
N LYS A 249 -26.59 5.15 34.15
CA LYS A 249 -26.69 3.77 34.68
C LYS A 249 -28.11 3.25 34.52
N GLN A 250 -29.12 4.12 34.77
CA GLN A 250 -30.54 3.81 34.63
C GLN A 250 -30.93 3.52 33.17
N ALA A 251 -30.48 4.37 32.20
CA ALA A 251 -30.75 4.22 30.77
C ALA A 251 -30.26 2.85 30.27
N VAL A 252 -29.16 2.33 30.86
CA VAL A 252 -28.56 1.04 30.54
C VAL A 252 -29.47 -0.07 31.07
N LYS A 253 -29.98 0.08 32.31
CA LYS A 253 -30.87 -0.87 32.99
C LYS A 253 -32.17 -1.08 32.20
N GLU A 254 -32.73 0.03 31.66
CA GLU A 254 -33.97 0.01 30.88
C GLU A 254 -33.72 -0.32 29.41
N ALA A 255 -32.47 -0.65 29.06
CA ALA A 255 -32.12 -1.10 27.72
C ALA A 255 -32.31 -2.63 27.62
N GLY A 256 -32.35 -3.30 28.78
CA GLY A 256 -32.51 -4.75 28.87
C GLY A 256 -31.21 -5.51 29.01
N ALA A 257 -30.12 -4.79 29.31
CA ALA A 257 -28.78 -5.34 29.46
C ALA A 257 -28.67 -6.27 30.64
N LEU A 258 -29.30 -5.87 31.78
CA LEU A 258 -29.34 -6.55 33.08
C LEU A 258 -29.37 -8.06 32.97
N GLU A 259 -30.34 -8.62 32.22
CA GLU A 259 -30.48 -10.07 32.05
C GLU A 259 -29.40 -10.69 31.17
N LYS A 260 -29.06 -10.02 30.03
CA LYS A 260 -28.03 -10.46 29.08
C LYS A 260 -26.67 -10.58 29.81
N LEU A 261 -26.35 -9.57 30.65
CA LEU A 261 -25.16 -9.46 31.50
C LEU A 261 -25.19 -10.58 32.58
N GLU A 262 -26.38 -10.85 33.16
CA GLU A 262 -26.55 -11.91 34.17
C GLU A 262 -26.28 -13.28 33.53
N GLN A 263 -26.65 -13.44 32.23
CA GLN A 263 -26.44 -14.68 31.48
C GLN A 263 -24.97 -14.88 31.14
N LEU A 264 -24.30 -13.81 30.66
CA LEU A 264 -22.89 -13.79 30.27
C LEU A 264 -21.94 -14.20 31.38
N GLN A 265 -22.38 -14.10 32.65
CA GLN A 265 -21.60 -14.50 33.82
C GLN A 265 -21.10 -15.95 33.65
N SER A 266 -21.98 -16.83 33.13
CA SER A 266 -21.72 -18.25 32.83
C SER A 266 -21.43 -18.39 31.32
N HIS A 267 -20.17 -18.12 30.94
CA HIS A 267 -19.69 -18.18 29.56
C HIS A 267 -18.58 -19.23 29.41
N GLU A 268 -18.33 -19.69 28.17
CA GLU A 268 -17.29 -20.68 27.83
C GLU A 268 -15.91 -20.00 27.91
N ASN A 269 -15.85 -18.70 27.58
CA ASN A 269 -14.63 -17.91 27.61
C ASN A 269 -14.59 -17.10 28.90
N GLU A 270 -13.69 -17.49 29.83
CA GLU A 270 -13.52 -16.86 31.15
C GLU A 270 -13.16 -15.36 31.07
N LYS A 271 -12.66 -14.90 29.91
CA LYS A 271 -12.30 -13.50 29.67
C LYS A 271 -13.52 -12.58 29.67
N ILE A 272 -14.65 -13.04 29.11
CA ILE A 272 -15.88 -12.25 29.06
C ILE A 272 -16.71 -12.45 30.32
N GLN A 273 -16.39 -13.51 31.11
CA GLN A 273 -17.07 -13.83 32.38
C GLN A 273 -16.80 -12.73 33.42
N LYS A 274 -15.54 -12.22 33.47
CA LYS A 274 -15.12 -11.14 34.35
C LYS A 274 -15.54 -9.79 33.76
N GLU A 275 -15.44 -9.66 32.42
CA GLU A 275 -15.83 -8.46 31.71
C GLU A 275 -17.33 -8.14 31.90
N ALA A 276 -18.14 -9.15 32.26
CA ALA A 276 -19.59 -9.00 32.47
C ALA A 276 -19.89 -8.65 33.91
N GLN A 277 -19.15 -9.26 34.86
CA GLN A 277 -19.28 -9.05 36.31
C GLN A 277 -18.82 -7.65 36.70
N GLU A 278 -17.69 -7.18 36.11
CA GLU A 278 -17.15 -5.83 36.32
C GLU A 278 -18.19 -4.78 35.87
N ALA A 279 -18.88 -5.05 34.74
CA ALA A 279 -19.94 -4.21 34.19
C ALA A 279 -21.17 -4.20 35.11
N LEU A 280 -21.53 -5.37 35.68
CA LEU A 280 -22.66 -5.53 36.60
C LEU A 280 -22.46 -4.76 37.91
N GLU A 281 -21.31 -4.94 38.60
CA GLU A 281 -20.99 -4.30 39.89
C GLU A 281 -20.80 -2.77 39.77
N LYS A 282 -20.50 -2.26 38.56
CA LYS A 282 -20.36 -0.83 38.31
C LYS A 282 -21.69 -0.24 37.81
N LEU A 283 -22.75 -1.08 37.78
CA LEU A 283 -24.10 -0.68 37.37
C LEU A 283 -25.06 -0.53 38.56
N GLN A 284 -24.84 -1.29 39.64
CA GLN A 284 -25.66 -1.21 40.85
C GLN A 284 -24.77 -1.13 42.09
N GLU B 5 -3.17 -25.08 13.60
CA GLU B 5 -2.99 -23.64 13.43
C GLU B 5 -3.40 -23.24 12.02
N LEU B 6 -2.60 -23.63 11.00
CA LEU B 6 -2.86 -23.33 9.58
C LEU B 6 -4.13 -24.02 9.01
N PRO B 7 -4.42 -25.33 9.26
CA PRO B 7 -5.66 -25.93 8.71
C PRO B 7 -6.92 -25.17 9.13
N GLN B 8 -6.90 -24.56 10.34
CA GLN B 8 -8.00 -23.74 10.87
C GLN B 8 -8.09 -22.46 10.03
N MET B 9 -6.95 -21.75 9.84
CA MET B 9 -6.88 -20.51 9.06
C MET B 9 -7.44 -20.69 7.66
N VAL B 10 -7.06 -21.78 6.99
CA VAL B 10 -7.48 -22.13 5.65
C VAL B 10 -8.99 -22.41 5.61
N GLN B 11 -9.50 -23.08 6.68
CA GLN B 11 -10.91 -23.41 6.89
C GLN B 11 -11.69 -22.10 7.09
N GLN B 12 -11.22 -21.24 8.02
CA GLN B 12 -11.78 -19.93 8.37
C GLN B 12 -11.86 -18.93 7.20
N LEU B 13 -11.24 -19.26 6.05
CA LEU B 13 -11.32 -18.41 4.85
C LEU B 13 -12.69 -18.59 4.16
N ASN B 14 -13.39 -19.71 4.47
CA ASN B 14 -14.71 -20.08 3.92
C ASN B 14 -15.83 -19.53 4.82
N SER B 15 -15.48 -19.07 6.05
CA SER B 15 -16.40 -18.59 7.07
C SER B 15 -17.31 -17.45 6.64
N PRO B 16 -18.62 -17.55 6.97
CA PRO B 16 -19.54 -16.44 6.65
C PRO B 16 -19.32 -15.20 7.52
N ASP B 17 -18.55 -15.38 8.63
CA ASP B 17 -18.19 -14.34 9.60
C ASP B 17 -16.98 -13.59 9.01
N GLN B 18 -17.20 -12.34 8.62
CA GLN B 18 -16.19 -11.46 7.98
C GLN B 18 -15.00 -11.14 8.88
N GLN B 19 -15.23 -11.16 10.21
CA GLN B 19 -14.21 -10.90 11.20
C GLN B 19 -13.31 -12.13 11.30
N GLU B 20 -13.91 -13.34 11.27
CA GLU B 20 -13.20 -14.62 11.29
C GLU B 20 -12.34 -14.75 10.04
N LEU B 21 -12.92 -14.44 8.86
CA LEU B 21 -12.25 -14.48 7.55
C LEU B 21 -11.01 -13.57 7.54
N GLN B 22 -11.18 -12.26 7.85
CA GLN B 22 -10.10 -11.26 7.85
C GLN B 22 -9.01 -11.59 8.85
N SER B 23 -9.36 -12.00 10.07
CA SER B 23 -8.39 -12.39 11.09
C SER B 23 -7.47 -13.51 10.58
N ALA B 24 -8.04 -14.56 9.94
CA ALA B 24 -7.27 -15.68 9.40
C ALA B 24 -6.46 -15.24 8.17
N LEU B 25 -7.06 -14.38 7.32
CA LEU B 25 -6.43 -13.81 6.12
C LEU B 25 -5.20 -12.98 6.52
N ARG B 26 -5.39 -12.08 7.51
CA ARG B 26 -4.37 -11.22 8.12
C ARG B 26 -3.26 -12.08 8.76
N LYS B 27 -3.62 -13.26 9.33
CA LYS B 27 -2.66 -14.20 9.92
C LYS B 27 -1.84 -14.91 8.81
N LEU B 28 -2.53 -15.49 7.80
CA LEU B 28 -1.92 -16.21 6.67
C LEU B 28 -0.99 -15.34 5.86
N SER B 29 -1.36 -14.06 5.67
CA SER B 29 -0.54 -13.12 4.91
C SER B 29 0.78 -12.80 5.64
N GLN B 30 0.73 -12.63 6.98
CA GLN B 30 1.90 -12.34 7.80
C GLN B 30 2.83 -13.57 7.97
N ILE B 31 2.29 -14.79 7.77
CA ILE B 31 3.10 -16.03 7.84
C ILE B 31 3.80 -16.24 6.48
N ALA B 32 3.08 -15.98 5.36
CA ALA B 32 3.58 -16.06 3.98
C ALA B 32 4.65 -14.99 3.73
N SER B 33 4.59 -13.88 4.50
CA SER B 33 5.54 -12.77 4.36
C SER B 33 6.94 -13.20 4.78
N GLY B 34 7.02 -14.11 5.76
CA GLY B 34 8.23 -14.66 6.31
C GLY B 34 9.05 -15.52 5.36
N GLY B 35 9.71 -16.52 5.94
CA GLY B 35 10.58 -17.45 5.23
C GLY B 35 9.99 -18.19 4.06
N ASN B 36 10.86 -18.81 3.24
CA ASN B 36 10.46 -19.59 2.06
C ASN B 36 9.84 -20.91 2.50
N GLU B 37 10.29 -21.41 3.66
CA GLU B 37 9.80 -22.64 4.30
C GLU B 37 8.37 -22.37 4.81
N GLN B 38 8.14 -21.13 5.29
CA GLN B 38 6.85 -20.65 5.80
C GLN B 38 5.82 -20.56 4.67
N ILE B 39 6.25 -20.08 3.48
CA ILE B 39 5.45 -19.97 2.24
C ILE B 39 4.95 -21.37 1.86
N GLN B 40 5.83 -22.39 1.95
CA GLN B 40 5.50 -23.78 1.65
C GLN B 40 4.45 -24.35 2.59
N ALA B 41 4.55 -24.05 3.91
CA ALA B 41 3.62 -24.51 4.94
C ALA B 41 2.20 -24.02 4.66
N VAL B 42 2.08 -22.76 4.20
CA VAL B 42 0.84 -22.08 3.83
C VAL B 42 0.28 -22.78 2.58
N ILE B 43 1.16 -23.06 1.58
CA ILE B 43 0.80 -23.77 0.34
C ILE B 43 0.22 -25.15 0.69
N ASP B 44 1.02 -25.99 1.42
CA ASP B 44 0.70 -27.35 1.87
C ASP B 44 -0.62 -27.46 2.67
N ALA B 45 -0.97 -26.40 3.42
CA ALA B 45 -2.20 -26.33 4.19
C ALA B 45 -3.45 -26.08 3.30
N GLY B 46 -3.21 -25.81 2.00
CA GLY B 46 -4.22 -25.61 0.97
C GLY B 46 -4.86 -24.25 0.97
N ALA B 47 -4.07 -23.22 1.32
CA ALA B 47 -4.57 -21.85 1.38
C ALA B 47 -4.85 -21.28 0.01
N LEU B 48 -4.09 -21.74 -1.00
CA LEU B 48 -4.13 -21.25 -2.38
C LEU B 48 -5.52 -21.33 -3.09
N PRO B 49 -6.26 -22.48 -3.15
CA PRO B 49 -7.57 -22.46 -3.85
C PRO B 49 -8.56 -21.49 -3.22
N ALA B 50 -8.45 -21.36 -1.88
CA ALA B 50 -9.27 -20.50 -1.02
C ALA B 50 -8.98 -19.02 -1.29
N LEU B 51 -7.68 -18.66 -1.42
CA LEU B 51 -7.22 -17.30 -1.69
C LEU B 51 -7.66 -16.82 -3.06
N VAL B 52 -7.54 -17.68 -4.10
CA VAL B 52 -7.92 -17.37 -5.49
C VAL B 52 -9.42 -17.01 -5.61
N GLN B 53 -10.28 -17.70 -4.82
CA GLN B 53 -11.75 -17.45 -4.77
C GLN B 53 -12.02 -16.00 -4.33
N LEU B 54 -11.27 -15.54 -3.30
CA LEU B 54 -11.34 -14.22 -2.69
C LEU B 54 -10.95 -13.07 -3.63
N LEU B 55 -10.26 -13.36 -4.75
CA LEU B 55 -9.85 -12.33 -5.71
C LEU B 55 -11.04 -11.75 -6.46
N SER B 56 -12.15 -12.48 -6.40
CA SER B 56 -13.41 -12.11 -7.04
C SER B 56 -14.32 -11.35 -6.07
N SER B 57 -13.87 -11.12 -4.82
CA SER B 57 -14.69 -10.45 -3.81
C SER B 57 -14.91 -9.01 -4.09
N PRO B 58 -16.17 -8.53 -3.93
CA PRO B 58 -16.44 -7.09 -4.09
C PRO B 58 -15.98 -6.31 -2.86
N ASN B 59 -15.59 -7.01 -1.78
CA ASN B 59 -15.07 -6.44 -0.53
C ASN B 59 -13.57 -6.06 -0.72
N GLU B 60 -13.28 -4.76 -0.73
CA GLU B 60 -11.92 -4.22 -0.92
C GLU B 60 -10.96 -4.63 0.16
N GLN B 61 -11.45 -4.75 1.43
CA GLN B 61 -10.67 -5.15 2.60
C GLN B 61 -10.20 -6.60 2.47
N ILE B 62 -11.14 -7.52 2.15
CA ILE B 62 -10.77 -8.92 2.01
C ILE B 62 -9.97 -9.12 0.69
N LEU B 63 -10.23 -8.31 -0.36
CA LEU B 63 -9.47 -8.43 -1.61
C LEU B 63 -8.01 -7.93 -1.39
N GLN B 64 -7.84 -6.78 -0.71
CA GLN B 64 -6.52 -6.20 -0.43
C GLN B 64 -5.61 -7.16 0.33
N GLU B 65 -6.17 -7.88 1.33
CA GLU B 65 -5.42 -8.83 2.14
C GLU B 65 -5.09 -10.07 1.34
N ALA B 66 -6.08 -10.59 0.56
CA ALA B 66 -5.92 -11.76 -0.29
C ALA B 66 -4.80 -11.54 -1.33
N LEU B 67 -4.78 -10.33 -1.98
CA LEU B 67 -3.75 -9.94 -2.96
C LEU B 67 -2.39 -9.93 -2.29
N TRP B 68 -2.31 -9.26 -1.11
CA TRP B 68 -1.06 -9.14 -0.33
C TRP B 68 -0.53 -10.50 0.08
N ALA B 69 -1.42 -11.41 0.53
CA ALA B 69 -1.03 -12.77 0.90
C ALA B 69 -0.46 -13.56 -0.28
N LEU B 70 -1.07 -13.41 -1.48
CA LEU B 70 -0.63 -14.08 -2.71
C LEU B 70 0.63 -13.52 -3.27
N SER B 71 0.89 -12.20 -3.10
CA SER B 71 2.13 -11.57 -3.56
C SER B 71 3.29 -12.00 -2.64
N ASN B 72 2.98 -12.26 -1.35
CA ASN B 72 3.93 -12.77 -0.35
C ASN B 72 4.24 -14.25 -0.59
N ILE B 73 3.27 -15.04 -1.10
CA ILE B 73 3.47 -16.43 -1.47
C ILE B 73 4.28 -16.48 -2.77
N ALA B 74 4.03 -15.51 -3.67
CA ALA B 74 4.74 -15.36 -4.94
C ALA B 74 6.16 -14.83 -4.73
N SER B 75 6.47 -14.39 -3.51
CA SER B 75 7.78 -13.87 -3.10
C SER B 75 8.80 -15.03 -3.00
N GLY B 76 8.26 -16.26 -2.99
CA GLY B 76 9.02 -17.50 -2.89
C GLY B 76 9.69 -18.01 -4.15
N GLY B 77 10.17 -19.26 -4.07
CA GLY B 77 10.85 -19.96 -5.16
C GLY B 77 10.00 -20.21 -6.39
N ASN B 78 10.67 -20.59 -7.51
CA ASN B 78 10.08 -20.86 -8.82
C ASN B 78 8.84 -21.82 -8.80
N GLU B 79 8.97 -22.99 -8.12
CA GLU B 79 7.92 -24.02 -8.00
C GLU B 79 6.74 -23.59 -7.10
N GLN B 80 6.99 -22.62 -6.19
CA GLN B 80 5.99 -22.04 -5.27
C GLN B 80 5.17 -21.02 -6.05
N ILE B 81 5.82 -20.36 -7.02
CA ILE B 81 5.20 -19.43 -7.97
C ILE B 81 4.31 -20.32 -8.88
N GLN B 82 4.80 -21.51 -9.25
CA GLN B 82 4.08 -22.50 -10.06
C GLN B 82 2.80 -23.00 -9.36
N ALA B 83 2.81 -23.09 -8.01
CA ALA B 83 1.65 -23.50 -7.23
C ALA B 83 0.56 -22.44 -7.36
N VAL B 84 0.95 -21.13 -7.31
CA VAL B 84 0.09 -19.96 -7.45
C VAL B 84 -0.53 -19.99 -8.85
N ILE B 85 0.29 -20.30 -9.86
CA ILE B 85 -0.12 -20.43 -11.26
C ILE B 85 -1.14 -21.57 -11.40
N ASP B 86 -0.81 -22.80 -10.90
CA ASP B 86 -1.64 -24.01 -10.93
C ASP B 86 -2.99 -23.87 -10.21
N ALA B 87 -3.01 -23.03 -9.14
CA ALA B 87 -4.22 -22.70 -8.37
C ALA B 87 -5.20 -21.89 -9.21
N GLY B 88 -4.66 -21.18 -10.21
CA GLY B 88 -5.42 -20.37 -11.16
C GLY B 88 -5.53 -18.91 -10.78
N ALA B 89 -4.45 -18.35 -10.20
CA ALA B 89 -4.42 -16.97 -9.76
C ALA B 89 -4.45 -16.00 -10.91
N LEU B 90 -3.53 -16.15 -11.88
CA LEU B 90 -3.31 -15.29 -13.05
C LEU B 90 -4.58 -14.65 -13.70
N PRO B 91 -5.63 -15.41 -14.15
CA PRO B 91 -6.80 -14.73 -14.77
C PRO B 91 -7.49 -13.69 -13.88
N ALA B 92 -7.57 -13.95 -12.57
CA ALA B 92 -8.13 -13.06 -11.58
C ALA B 92 -7.25 -11.84 -11.47
N LEU B 93 -5.90 -12.01 -11.48
CA LEU B 93 -4.90 -10.95 -11.39
C LEU B 93 -4.83 -10.06 -12.62
N VAL B 94 -5.03 -10.68 -13.80
CA VAL B 94 -5.04 -10.01 -15.11
C VAL B 94 -6.36 -9.18 -15.21
N GLN B 95 -7.46 -9.75 -14.68
CA GLN B 95 -8.78 -9.10 -14.64
C GLN B 95 -8.66 -7.76 -13.86
N LEU B 96 -7.89 -7.78 -12.76
CA LEU B 96 -7.68 -6.65 -11.87
C LEU B 96 -6.84 -5.48 -12.47
N LEU B 97 -6.26 -5.67 -13.67
CA LEU B 97 -5.45 -4.63 -14.28
C LEU B 97 -6.31 -3.55 -14.95
N SER B 98 -7.62 -3.82 -15.00
CA SER B 98 -8.65 -2.93 -15.54
C SER B 98 -9.31 -2.16 -14.39
N SER B 99 -8.79 -2.34 -13.17
CA SER B 99 -9.34 -1.68 -11.99
C SER B 99 -9.09 -0.16 -11.90
N PRO B 100 -10.15 0.60 -11.57
CA PRO B 100 -9.95 2.04 -11.31
C PRO B 100 -9.45 2.28 -9.87
N ASN B 101 -9.41 1.20 -9.01
CA ASN B 101 -8.93 1.29 -7.65
C ASN B 101 -7.44 1.22 -7.71
N GLU B 102 -6.78 2.38 -7.52
CA GLU B 102 -5.33 2.55 -7.54
C GLU B 102 -4.64 1.66 -6.48
N GLN B 103 -5.31 1.41 -5.33
CA GLN B 103 -4.81 0.57 -4.24
C GLN B 103 -4.78 -0.90 -4.70
N ILE B 104 -5.89 -1.37 -5.29
CA ILE B 104 -6.09 -2.74 -5.81
C ILE B 104 -5.15 -3.02 -6.99
N LEU B 105 -5.02 -2.05 -7.92
CA LEU B 105 -4.17 -2.17 -9.11
C LEU B 105 -2.66 -2.25 -8.74
N GLN B 106 -2.17 -1.34 -7.87
CA GLN B 106 -0.78 -1.32 -7.41
C GLN B 106 -0.42 -2.65 -6.70
N GLU B 107 -1.43 -3.38 -6.16
CA GLU B 107 -1.28 -4.65 -5.45
C GLU B 107 -1.33 -5.86 -6.36
N ALA B 108 -2.23 -5.84 -7.35
CA ALA B 108 -2.37 -6.87 -8.39
C ALA B 108 -1.15 -6.84 -9.32
N LEU B 109 -0.60 -5.61 -9.59
CA LEU B 109 0.60 -5.40 -10.41
C LEU B 109 1.80 -5.99 -9.70
N TRP B 110 1.88 -5.77 -8.37
CA TRP B 110 2.96 -6.35 -7.62
C TRP B 110 2.93 -7.87 -7.72
N ALA B 111 1.83 -8.51 -7.29
CA ALA B 111 1.68 -9.97 -7.33
C ALA B 111 2.10 -10.60 -8.66
N LEU B 112 1.72 -9.97 -9.79
CA LEU B 112 2.06 -10.41 -11.15
C LEU B 112 3.54 -10.26 -11.43
N SER B 113 4.15 -9.13 -10.99
CA SER B 113 5.58 -8.90 -11.14
C SER B 113 6.38 -9.86 -10.27
N ASN B 114 5.81 -10.30 -9.13
CA ASN B 114 6.45 -11.29 -8.27
C ASN B 114 6.34 -12.69 -8.90
N ILE B 115 5.24 -12.98 -9.65
CA ILE B 115 5.04 -14.25 -10.37
C ILE B 115 6.04 -14.28 -11.55
N ALA B 116 6.22 -13.11 -12.19
CA ALA B 116 7.16 -12.93 -13.28
C ALA B 116 8.63 -12.88 -12.78
N SER B 117 8.84 -12.84 -11.44
CA SER B 117 10.16 -12.84 -10.81
C SER B 117 10.80 -14.26 -10.72
N GLY B 118 10.28 -15.19 -11.52
CA GLY B 118 10.75 -16.57 -11.52
C GLY B 118 11.33 -17.01 -12.86
N GLY B 119 11.30 -18.32 -13.07
CA GLY B 119 11.77 -18.95 -14.30
C GLY B 119 10.90 -18.67 -15.50
N ASN B 120 11.46 -18.87 -16.70
CA ASN B 120 10.83 -18.67 -18.01
C ASN B 120 9.46 -19.36 -18.14
N GLU B 121 9.30 -20.56 -17.53
CA GLU B 121 8.07 -21.36 -17.51
C GLU B 121 6.96 -20.58 -16.79
N GLN B 122 7.33 -19.90 -15.68
CA GLN B 122 6.43 -19.08 -14.87
C GLN B 122 6.14 -17.79 -15.62
N ILE B 123 7.19 -17.16 -16.20
CA ILE B 123 7.09 -15.91 -16.99
C ILE B 123 6.11 -16.13 -18.18
N GLN B 124 6.21 -17.30 -18.86
CA GLN B 124 5.35 -17.67 -19.98
C GLN B 124 3.90 -17.81 -19.55
N ALA B 125 3.65 -18.38 -18.33
CA ALA B 125 2.31 -18.55 -17.77
C ALA B 125 1.58 -17.20 -17.68
N VAL B 126 2.30 -16.14 -17.23
CA VAL B 126 1.82 -14.76 -17.13
C VAL B 126 1.44 -14.29 -18.54
N ILE B 127 2.37 -14.45 -19.53
CA ILE B 127 2.12 -14.07 -20.92
C ILE B 127 0.85 -14.76 -21.44
N ASP B 128 0.77 -16.10 -21.25
CA ASP B 128 -0.32 -17.01 -21.65
C ASP B 128 -1.67 -16.57 -21.10
N ALA B 129 -1.68 -16.03 -19.85
CA ALA B 129 -2.88 -15.52 -19.19
C ALA B 129 -3.36 -14.21 -19.79
N GLY B 130 -2.48 -13.51 -20.53
CA GLY B 130 -2.79 -12.27 -21.23
C GLY B 130 -2.50 -11.00 -20.48
N ALA B 131 -1.45 -10.99 -19.67
CA ALA B 131 -1.08 -9.83 -18.88
C ALA B 131 -0.49 -8.69 -19.71
N LEU B 132 0.32 -9.04 -20.74
CA LEU B 132 0.99 -8.04 -21.58
C LEU B 132 0.04 -6.97 -22.17
N PRO B 133 -1.09 -7.26 -22.89
CA PRO B 133 -1.93 -6.16 -23.42
C PRO B 133 -2.31 -5.12 -22.38
N ALA B 134 -2.70 -5.57 -21.16
CA ALA B 134 -3.05 -4.73 -20.02
C ALA B 134 -1.84 -3.91 -19.59
N LEU B 135 -0.67 -4.58 -19.45
CA LEU B 135 0.58 -3.92 -19.06
C LEU B 135 0.98 -2.79 -20.01
N VAL B 136 0.96 -3.05 -21.33
CA VAL B 136 1.30 -2.08 -22.40
C VAL B 136 0.34 -0.85 -22.34
N GLN B 137 -0.99 -1.08 -22.10
CA GLN B 137 -1.99 -0.02 -21.96
C GLN B 137 -1.59 0.88 -20.82
N LEU B 138 -1.11 0.29 -19.72
CA LEU B 138 -0.68 1.03 -18.54
C LEU B 138 0.56 1.92 -18.76
N LEU B 139 1.32 1.74 -19.86
CA LEU B 139 2.48 2.62 -20.11
C LEU B 139 2.03 4.01 -20.63
N SER B 140 0.75 4.08 -21.06
CA SER B 140 0.10 5.28 -21.55
C SER B 140 -0.64 5.99 -20.39
N SER B 141 -0.39 5.56 -19.14
CA SER B 141 -0.99 6.11 -17.92
C SER B 141 -0.34 7.46 -17.52
N PRO B 142 -1.15 8.43 -17.02
CA PRO B 142 -0.58 9.70 -16.54
C PRO B 142 -0.10 9.63 -15.07
N ASN B 143 -0.30 8.46 -14.44
CA ASN B 143 0.09 8.19 -13.07
C ASN B 143 1.51 7.68 -13.09
N GLU B 144 2.44 8.43 -12.47
CA GLU B 144 3.85 8.06 -12.42
C GLU B 144 4.08 6.80 -11.59
N GLN B 145 3.21 6.56 -10.60
CA GLN B 145 3.32 5.38 -9.74
C GLN B 145 2.85 4.13 -10.50
N ILE B 146 1.71 4.22 -11.25
CA ILE B 146 1.20 3.09 -12.05
C ILE B 146 2.24 2.74 -13.14
N LEU B 147 2.83 3.75 -13.78
CA LEU B 147 3.84 3.60 -14.83
C LEU B 147 5.04 2.81 -14.34
N GLN B 148 5.52 3.08 -13.10
CA GLN B 148 6.64 2.41 -12.43
C GLN B 148 6.34 0.92 -12.21
N GLU B 149 5.15 0.58 -11.63
CA GLU B 149 4.72 -0.81 -11.39
C GLU B 149 4.60 -1.61 -12.67
N ALA B 150 3.96 -1.02 -13.70
CA ALA B 150 3.80 -1.64 -15.02
C ALA B 150 5.18 -1.87 -15.67
N LEU B 151 6.10 -0.87 -15.56
CA LEU B 151 7.45 -0.96 -16.10
C LEU B 151 8.28 -2.00 -15.34
N TRP B 152 8.03 -2.14 -14.02
CA TRP B 152 8.71 -3.11 -13.17
C TRP B 152 8.30 -4.51 -13.65
N ALA B 153 6.98 -4.76 -13.74
CA ALA B 153 6.39 -6.01 -14.19
C ALA B 153 6.89 -6.43 -15.58
N LEU B 154 6.89 -5.48 -16.54
CA LEU B 154 7.37 -5.71 -17.90
C LEU B 154 8.83 -6.08 -17.95
N SER B 155 9.67 -5.37 -17.17
CA SER B 155 11.11 -5.63 -17.08
C SER B 155 11.34 -7.08 -16.65
N ASN B 156 10.54 -7.55 -15.67
CA ASN B 156 10.56 -8.93 -15.16
C ASN B 156 10.12 -9.93 -16.22
N ILE B 157 9.17 -9.54 -17.11
CA ILE B 157 8.71 -10.41 -18.20
C ILE B 157 9.88 -10.52 -19.19
N ALA B 158 10.48 -9.37 -19.53
CA ALA B 158 11.60 -9.32 -20.45
C ALA B 158 12.89 -9.90 -19.84
N SER B 159 12.85 -10.35 -18.55
CA SER B 159 13.97 -11.00 -17.85
C SER B 159 14.01 -12.54 -18.08
N GLY B 160 13.26 -12.99 -19.09
CA GLY B 160 13.17 -14.38 -19.53
C GLY B 160 13.80 -14.64 -20.89
N GLY B 161 13.56 -15.84 -21.42
CA GLY B 161 14.07 -16.30 -22.71
C GLY B 161 13.55 -15.56 -23.91
N ASN B 162 14.11 -15.86 -25.10
CA ASN B 162 13.73 -15.22 -26.37
C ASN B 162 12.24 -15.27 -26.70
N GLU B 163 11.56 -16.40 -26.38
CA GLU B 163 10.12 -16.56 -26.59
C GLU B 163 9.32 -15.52 -25.76
N GLN B 164 9.80 -15.22 -24.53
CA GLN B 164 9.21 -14.26 -23.61
C GLN B 164 9.54 -12.83 -24.02
N ILE B 165 10.77 -12.59 -24.50
CA ILE B 165 11.19 -11.26 -24.96
C ILE B 165 10.37 -10.90 -26.21
N GLN B 166 10.26 -11.87 -27.15
CA GLN B 166 9.49 -11.71 -28.38
C GLN B 166 8.01 -11.51 -28.10
N ALA B 167 7.52 -12.06 -26.98
CA ALA B 167 6.13 -11.89 -26.55
C ALA B 167 5.84 -10.41 -26.27
N VAL B 168 6.75 -9.75 -25.52
CA VAL B 168 6.68 -8.34 -25.15
C VAL B 168 6.71 -7.46 -26.41
N ILE B 169 7.57 -7.81 -27.39
CA ILE B 169 7.70 -7.13 -28.68
C ILE B 169 6.37 -7.22 -29.44
N ASP B 170 5.85 -8.46 -29.59
CA ASP B 170 4.60 -8.77 -30.26
C ASP B 170 3.40 -8.14 -29.56
N ALA B 171 3.56 -7.75 -28.28
CA ALA B 171 2.53 -7.07 -27.49
C ALA B 171 2.52 -5.57 -27.74
N GLY B 172 3.42 -5.12 -28.62
CA GLY B 172 3.58 -3.73 -29.02
C GLY B 172 4.09 -2.82 -27.93
N ALA B 173 4.98 -3.34 -27.06
CA ALA B 173 5.52 -2.58 -25.95
C ALA B 173 6.61 -1.60 -26.34
N LEU B 174 7.37 -1.91 -27.40
CA LEU B 174 8.48 -1.08 -27.85
C LEU B 174 8.11 0.36 -28.24
N PRO B 175 7.03 0.62 -29.05
CA PRO B 175 6.71 2.04 -29.38
C PRO B 175 6.45 2.88 -28.14
N ALA B 176 5.80 2.27 -27.14
CA ALA B 176 5.50 2.88 -25.86
C ALA B 176 6.79 3.19 -25.11
N LEU B 177 7.74 2.23 -25.06
CA LEU B 177 9.02 2.41 -24.37
C LEU B 177 9.88 3.51 -24.99
N VAL B 178 9.86 3.59 -26.33
CA VAL B 178 10.61 4.53 -27.18
C VAL B 178 10.05 5.95 -27.02
N GLN B 179 8.74 6.04 -26.79
CA GLN B 179 8.08 7.31 -26.61
C GLN B 179 8.46 7.84 -25.25
N LEU B 180 8.47 6.95 -24.23
CA LEU B 180 8.81 7.30 -22.85
C LEU B 180 10.20 7.90 -22.71
N LEU B 181 11.17 7.50 -23.58
CA LEU B 181 12.55 8.03 -23.54
C LEU B 181 12.61 9.56 -23.82
N SER B 182 11.50 10.13 -24.34
CA SER B 182 11.33 11.55 -24.65
C SER B 182 10.68 12.29 -23.45
N SER B 183 10.68 11.64 -22.29
CA SER B 183 10.14 12.21 -21.07
C SER B 183 11.11 13.22 -20.44
N PRO B 184 10.59 14.36 -19.91
CA PRO B 184 11.49 15.31 -19.20
C PRO B 184 11.83 14.83 -17.78
N ASN B 185 11.03 13.87 -17.25
CA ASN B 185 11.09 13.23 -15.95
C ASN B 185 12.16 12.15 -16.01
N GLU B 186 13.26 12.42 -15.29
CA GLU B 186 14.44 11.57 -15.20
C GLU B 186 14.15 10.21 -14.53
N GLN B 187 13.09 10.12 -13.70
CA GLN B 187 12.73 8.88 -13.02
C GLN B 187 11.99 7.93 -13.97
N ILE B 188 11.25 8.48 -14.97
CA ILE B 188 10.54 7.69 -15.99
C ILE B 188 11.61 7.05 -16.89
N LEU B 189 12.66 7.83 -17.18
CA LEU B 189 13.78 7.37 -17.99
C LEU B 189 14.46 6.14 -17.34
N GLN B 190 14.63 6.15 -16.00
CA GLN B 190 15.23 5.09 -15.20
C GLN B 190 14.59 3.71 -15.38
N GLU B 191 13.24 3.67 -15.48
CA GLU B 191 12.49 2.42 -15.59
C GLU B 191 12.17 2.06 -17.05
N ALA B 192 12.04 3.06 -17.96
CA ALA B 192 11.79 2.81 -19.37
C ALA B 192 13.05 2.24 -20.05
N LEU B 193 14.24 2.79 -19.69
CA LEU B 193 15.55 2.34 -20.16
C LEU B 193 15.86 0.94 -19.62
N TRP B 194 15.40 0.64 -18.38
CA TRP B 194 15.61 -0.65 -17.74
C TRP B 194 14.89 -1.77 -18.47
N ALA B 195 13.62 -1.54 -18.84
CA ALA B 195 12.79 -2.50 -19.55
C ALA B 195 13.33 -2.72 -20.97
N LEU B 196 13.67 -1.63 -21.68
CA LEU B 196 14.21 -1.66 -23.04
C LEU B 196 15.50 -2.45 -23.16
N SER B 197 16.37 -2.36 -22.13
CA SER B 197 17.65 -3.05 -22.07
C SER B 197 17.46 -4.55 -21.93
N ASN B 198 16.36 -4.98 -21.27
CA ASN B 198 16.01 -6.39 -21.08
C ASN B 198 15.48 -6.98 -22.40
N ILE B 199 14.75 -6.15 -23.20
CA ILE B 199 14.26 -6.53 -24.54
C ILE B 199 15.51 -6.74 -25.40
N ALA B 200 16.53 -5.87 -25.18
CA ALA B 200 17.82 -5.84 -25.86
C ALA B 200 18.78 -6.99 -25.44
N SER B 201 18.40 -7.84 -24.47
CA SER B 201 19.23 -8.98 -24.04
C SER B 201 19.03 -10.22 -24.94
N GLY B 202 17.98 -10.19 -25.75
CA GLY B 202 17.59 -11.27 -26.66
C GLY B 202 18.47 -11.52 -27.86
N GLY B 203 17.94 -12.35 -28.76
CA GLY B 203 18.58 -12.75 -30.00
C GLY B 203 18.42 -11.73 -31.11
N ASN B 204 19.00 -12.01 -32.28
CA ASN B 204 19.02 -11.15 -33.46
C ASN B 204 17.64 -10.62 -33.88
N GLU B 205 16.60 -11.48 -33.86
CA GLU B 205 15.21 -11.12 -34.20
C GLU B 205 14.69 -10.03 -33.24
N GLN B 206 15.00 -10.18 -31.94
CA GLN B 206 14.64 -9.27 -30.84
C GLN B 206 15.43 -7.95 -30.89
N ILE B 207 16.76 -8.03 -31.13
CA ILE B 207 17.66 -6.87 -31.25
C ILE B 207 17.13 -5.94 -32.34
N GLN B 208 16.75 -6.53 -33.50
CA GLN B 208 16.26 -5.82 -34.66
C GLN B 208 14.92 -5.16 -34.46
N ALA B 209 14.03 -5.81 -33.70
CA ALA B 209 12.71 -5.27 -33.39
C ALA B 209 12.86 -3.97 -32.60
N VAL B 210 13.87 -3.89 -31.71
CA VAL B 210 14.21 -2.72 -30.91
C VAL B 210 14.70 -1.61 -31.85
N ILE B 211 15.65 -1.95 -32.76
CA ILE B 211 16.25 -1.04 -33.74
C ILE B 211 15.19 -0.40 -34.63
N ASP B 212 14.30 -1.24 -35.22
CA ASP B 212 13.22 -0.82 -36.12
C ASP B 212 12.25 0.13 -35.46
N ALA B 213 12.07 0.01 -34.12
CA ALA B 213 11.15 0.83 -33.31
C ALA B 213 11.57 2.31 -33.14
N GLY B 214 12.80 2.65 -33.53
CA GLY B 214 13.35 4.00 -33.42
C GLY B 214 13.98 4.27 -32.07
N ALA B 215 14.52 3.21 -31.44
CA ALA B 215 15.14 3.27 -30.12
C ALA B 215 16.50 3.96 -30.14
N LEU B 216 17.37 3.64 -31.12
CA LEU B 216 18.74 4.18 -31.25
C LEU B 216 18.83 5.73 -31.26
N PRO B 217 18.04 6.49 -32.06
CA PRO B 217 18.15 7.95 -32.01
C PRO B 217 17.93 8.55 -30.61
N ALA B 218 16.99 7.96 -29.84
CA ALA B 218 16.71 8.40 -28.46
C ALA B 218 17.88 8.02 -27.52
N LEU B 219 18.49 6.83 -27.73
CA LEU B 219 19.61 6.36 -26.91
C LEU B 219 20.88 7.22 -27.16
N VAL B 220 21.04 7.76 -28.39
CA VAL B 220 22.15 8.64 -28.72
C VAL B 220 21.91 10.06 -28.15
N GLN B 221 20.64 10.53 -28.04
CA GLN B 221 20.32 11.82 -27.41
C GLN B 221 20.79 11.68 -25.95
N LEU B 222 20.43 10.52 -25.34
CA LEU B 222 20.62 10.18 -23.94
C LEU B 222 22.06 9.87 -23.53
N LEU B 223 22.99 9.74 -24.49
CA LEU B 223 24.41 9.52 -24.14
C LEU B 223 25.08 10.82 -23.70
N SER B 224 24.40 11.96 -23.92
CA SER B 224 24.82 13.30 -23.51
C SER B 224 23.88 13.81 -22.36
N SER B 225 23.37 12.86 -21.56
CA SER B 225 22.49 13.12 -20.42
C SER B 225 23.32 13.58 -19.21
N PRO B 226 22.88 14.62 -18.44
CA PRO B 226 23.66 15.02 -17.25
C PRO B 226 23.55 14.06 -16.05
N ASN B 227 22.55 13.14 -16.08
CA ASN B 227 22.33 12.12 -15.04
C ASN B 227 23.18 10.91 -15.34
N GLU B 228 24.17 10.67 -14.47
CA GLU B 228 25.10 9.56 -14.55
C GLU B 228 24.41 8.20 -14.69
N GLN B 229 23.26 7.99 -14.01
CA GLN B 229 22.50 6.73 -14.05
C GLN B 229 21.73 6.54 -15.36
N ILE B 230 21.23 7.63 -15.97
CA ILE B 230 20.47 7.54 -17.23
C ILE B 230 21.46 7.31 -18.40
N LEU B 231 22.62 7.99 -18.36
CA LEU B 231 23.71 7.84 -19.33
C LEU B 231 24.25 6.38 -19.29
N GLN B 232 24.38 5.82 -18.08
CA GLN B 232 24.84 4.46 -17.80
C GLN B 232 23.84 3.45 -18.38
N GLU B 233 22.54 3.74 -18.24
CA GLU B 233 21.45 2.90 -18.73
C GLU B 233 21.27 2.98 -20.25
N ALA B 234 21.65 4.11 -20.87
CA ALA B 234 21.57 4.25 -22.32
C ALA B 234 22.66 3.35 -22.93
N LEU B 235 23.88 3.32 -22.30
CA LEU B 235 25.03 2.46 -22.64
C LEU B 235 24.61 1.00 -22.49
N TRP B 236 23.92 0.67 -21.37
CA TRP B 236 23.40 -0.64 -20.94
C TRP B 236 22.57 -1.29 -22.05
N ALA B 237 21.80 -0.45 -22.80
CA ALA B 237 20.96 -0.89 -23.91
C ALA B 237 21.80 -1.12 -25.16
N LEU B 238 22.54 -0.08 -25.61
CA LEU B 238 23.39 -0.15 -26.80
C LEU B 238 24.41 -1.30 -26.75
N SER B 239 25.13 -1.48 -25.61
CA SER B 239 26.10 -2.56 -25.44
C SER B 239 25.45 -3.95 -25.47
N ASN B 240 24.13 -4.00 -25.20
CA ASN B 240 23.34 -5.23 -25.26
C ASN B 240 22.91 -5.42 -26.74
N ILE B 241 22.57 -4.31 -27.45
CA ILE B 241 22.19 -4.29 -28.87
C ILE B 241 23.41 -4.75 -29.70
N ALA B 242 24.59 -4.29 -29.27
CA ALA B 242 25.89 -4.60 -29.87
C ALA B 242 26.16 -6.12 -29.87
N SER B 243 25.54 -6.86 -28.92
CA SER B 243 25.65 -8.31 -28.84
C SER B 243 24.62 -8.86 -29.83
N GLY B 244 25.11 -9.19 -31.02
CA GLY B 244 24.31 -9.71 -32.11
C GLY B 244 24.98 -9.60 -33.46
N GLY B 245 24.17 -9.59 -34.52
CA GLY B 245 24.64 -9.52 -35.90
C GLY B 245 25.27 -8.21 -36.31
N ASN B 246 26.16 -8.27 -37.32
CA ASN B 246 26.83 -7.10 -37.87
C ASN B 246 25.85 -6.16 -38.59
N GLU B 247 24.71 -6.70 -39.07
CA GLU B 247 23.62 -5.98 -39.75
C GLU B 247 22.77 -5.13 -38.75
N GLN B 248 22.95 -5.39 -37.44
CA GLN B 248 22.35 -4.67 -36.32
C GLN B 248 23.40 -3.68 -35.83
N LYS B 249 24.70 -4.09 -35.84
CA LYS B 249 25.89 -3.33 -35.46
C LYS B 249 26.05 -2.10 -36.37
N GLN B 250 25.82 -2.29 -37.69
CA GLN B 250 25.86 -1.25 -38.72
C GLN B 250 24.72 -0.22 -38.54
N ALA B 251 23.62 -0.61 -37.89
CA ALA B 251 22.52 0.31 -37.61
C ALA B 251 22.87 1.24 -36.46
N VAL B 252 23.69 0.76 -35.50
CA VAL B 252 24.15 1.53 -34.33
C VAL B 252 25.17 2.58 -34.77
N LYS B 253 26.10 2.19 -35.68
CA LYS B 253 27.16 3.08 -36.18
C LYS B 253 26.60 4.27 -36.97
N GLU B 254 25.53 4.05 -37.73
CA GLU B 254 24.85 5.07 -38.55
C GLU B 254 23.91 5.92 -37.70
N ALA B 255 23.63 5.48 -36.45
CA ALA B 255 22.78 6.22 -35.52
C ALA B 255 23.52 7.46 -34.99
N GLY B 256 24.85 7.47 -35.13
CA GLY B 256 25.71 8.56 -34.71
C GLY B 256 26.29 8.38 -33.32
N ALA B 257 26.30 7.13 -32.85
CA ALA B 257 26.79 6.75 -31.53
C ALA B 257 28.27 7.05 -31.31
N LEU B 258 29.17 6.71 -32.28
CA LEU B 258 30.65 6.90 -32.23
C LEU B 258 31.16 8.31 -31.83
N GLU B 259 30.45 9.39 -32.28
CA GLU B 259 30.77 10.80 -31.96
C GLU B 259 30.69 11.02 -30.44
N LYS B 260 29.81 10.24 -29.75
CA LYS B 260 29.55 10.27 -28.31
C LYS B 260 30.23 9.11 -27.55
N LEU B 261 30.10 7.86 -28.05
CA LEU B 261 30.65 6.61 -27.48
C LEU B 261 32.17 6.70 -27.25
N GLU B 262 32.86 7.48 -28.10
CA GLU B 262 34.28 7.71 -27.92
C GLU B 262 34.50 8.91 -27.00
N GLN B 263 33.68 9.99 -27.17
CA GLN B 263 33.71 11.25 -26.41
C GLN B 263 33.60 11.05 -24.89
N LEU B 264 32.94 9.96 -24.47
CA LEU B 264 32.75 9.64 -23.06
C LEU B 264 33.93 8.85 -22.47
N GLN B 265 34.99 8.63 -23.27
CA GLN B 265 36.21 7.98 -22.78
C GLN B 265 36.99 9.00 -21.91
N SER B 266 36.54 10.28 -21.91
CA SER B 266 37.09 11.39 -21.14
C SER B 266 36.07 11.91 -20.08
N HIS B 267 35.02 11.10 -19.79
CA HIS B 267 33.98 11.45 -18.81
C HIS B 267 34.48 11.40 -17.37
N GLU B 268 34.08 12.43 -16.58
CA GLU B 268 34.40 12.69 -15.17
C GLU B 268 34.32 11.46 -14.27
N ASN B 269 33.21 10.71 -14.34
CA ASN B 269 33.01 9.50 -13.55
C ASN B 269 33.69 8.35 -14.26
N GLU B 270 34.66 7.71 -13.58
CA GLU B 270 35.45 6.60 -14.09
C GLU B 270 34.60 5.35 -14.38
N LYS B 271 33.43 5.22 -13.70
CA LYS B 271 32.51 4.11 -13.94
C LYS B 271 31.90 4.23 -15.35
N ILE B 272 31.80 5.47 -15.89
CA ILE B 272 31.27 5.74 -17.22
C ILE B 272 32.41 5.81 -18.27
N GLN B 273 33.43 4.92 -18.16
CA GLN B 273 34.56 4.88 -19.08
C GLN B 273 34.80 3.56 -19.83
N LYS B 274 34.82 2.40 -19.13
CA LYS B 274 35.16 1.12 -19.76
C LYS B 274 33.99 0.34 -20.38
N GLU B 275 32.78 0.56 -19.89
CA GLU B 275 31.53 -0.01 -20.43
C GLU B 275 31.27 0.56 -21.84
N ALA B 276 31.78 1.79 -22.09
CA ALA B 276 31.74 2.48 -23.37
C ALA B 276 32.69 1.79 -24.35
N GLN B 277 33.89 1.35 -23.87
CA GLN B 277 34.91 0.65 -24.66
C GLN B 277 34.43 -0.74 -25.09
N GLU B 278 33.75 -1.48 -24.15
CA GLU B 278 33.19 -2.81 -24.42
C GLU B 278 32.12 -2.70 -25.53
N ALA B 279 31.31 -1.61 -25.48
CA ALA B 279 30.28 -1.29 -26.46
C ALA B 279 30.89 -0.93 -27.82
N LEU B 280 31.95 -0.06 -27.79
CA LEU B 280 32.70 0.44 -28.95
C LEU B 280 33.23 -0.69 -29.84
N GLU B 281 33.37 -1.89 -29.26
CA GLU B 281 33.84 -3.07 -29.98
C GLU B 281 32.84 -3.51 -31.07
N LYS B 282 33.37 -3.52 -32.31
CA LYS B 282 32.70 -3.89 -33.56
C LYS B 282 33.05 -5.34 -33.95
CA CA C . 0.39 12.31 -12.79
C1 MLT D . -23.56 3.50 6.56
O1 MLT D . -24.35 2.63 7.00
O2 MLT D . -22.74 3.20 5.66
C2 MLT D . -23.52 4.94 7.08
O3 MLT D . -22.63 5.03 8.16
C3 MLT D . -24.91 5.50 7.43
C4 MLT D . -24.99 6.76 8.30
O4 MLT D . -26.05 7.02 8.93
O5 MLT D . -23.99 7.53 8.39
CA CA E . -17.10 -2.76 -1.54
CA CA F . -9.63 5.67 -8.42
C1 MLT G . -6.30 0.14 -19.57
O1 MLT G . -6.49 0.58 -20.74
O2 MLT G . -6.07 0.96 -18.64
C2 MLT G . -6.38 -1.38 -19.25
O3 MLT G . -5.35 -1.82 -18.40
C3 MLT G . -6.56 -2.22 -20.54
C4 MLT G . -6.69 -3.75 -20.52
O4 MLT G . -6.56 -4.40 -19.44
O5 MLT G . -6.96 -4.34 -21.62
#